data_6FP9
#
_entry.id   6FP9
#
_cell.length_a   51.746
_cell.length_b   91.597
_cell.length_c   54.410
_cell.angle_alpha   90.00
_cell.angle_beta   116.93
_cell.angle_gamma   90.00
#
_symmetry.space_group_name_H-M   'P 1 21 1'
#
loop_
_entity.id
_entity.type
_entity.pdbx_description
1 polymer 'DARPin 1238_E11'
2 non-polymer 1,2-ETHANEDIOL
3 non-polymer 'SULFATE ION'
4 water water
#
_entity_poly.entity_id   1
_entity_poly.type   'polypeptide(L)'
_entity_poly.pdbx_seq_one_letter_code
;MRGSHHHHHHHHGSDLGKKLLEAARAGQDDEVRILMANGADVNATDWVGMTPLHLAAWKGHLEIVEVLLKTGADVNAHDV
FGTTPLHLAAHRGHLEIVEVLLKAGADVNAQDMVGKTPLHLAAYYGHLEIVEVLLKHGADVNAQDKFGKTPFDLAIDNGN
EDIAEVLQKAAKLNDYKDDDDK
;
_entity_poly.pdbx_strand_id   B,A
#
loop_
_chem_comp.id
_chem_comp.type
_chem_comp.name
_chem_comp.formula
EDO non-polymer 1,2-ETHANEDIOL 'C2 H6 O2'
SO4 non-polymer 'SULFATE ION' 'O4 S -2'
#
# COMPACT_ATOMS: atom_id res chain seq x y z
N SER A 14 15.68 11.55 -2.79
CA SER A 14 15.18 12.66 -1.97
C SER A 14 14.73 13.80 -2.86
N ASP A 15 15.58 14.13 -3.83
CA ASP A 15 15.24 15.16 -4.79
C ASP A 15 14.11 14.72 -5.70
N LEU A 16 14.14 13.45 -6.16
CA LEU A 16 13.07 12.94 -6.99
C LEU A 16 11.76 12.90 -6.22
N GLY A 17 11.81 12.55 -4.94
CA GLY A 17 10.59 12.50 -4.15
C GLY A 17 9.96 13.87 -4.01
N LYS A 18 10.77 14.88 -3.74
CA LYS A 18 10.29 16.24 -3.69
C LYS A 18 9.62 16.64 -4.99
N LYS A 19 10.26 16.33 -6.13
CA LYS A 19 9.66 16.63 -7.42
C LYS A 19 8.40 15.82 -7.62
N LEU A 20 8.39 14.58 -7.17
CA LEU A 20 7.20 13.75 -7.33
C LEU A 20 6.03 14.34 -6.55
N LEU A 21 6.29 14.79 -5.33
CA LEU A 21 5.26 15.45 -4.56
C LEU A 21 4.70 16.66 -5.29
N GLU A 22 5.58 17.48 -5.84
CA GLU A 22 5.14 18.67 -6.55
C GLU A 22 4.31 18.30 -7.77
N ALA A 23 4.76 17.28 -8.50
CA ALA A 23 4.04 16.86 -9.70
C ALA A 23 2.68 16.29 -9.33
N ALA A 24 2.61 15.53 -8.24
CA ALA A 24 1.34 14.95 -7.81
C ALA A 24 0.36 16.04 -7.41
N ARG A 25 0.84 17.02 -6.64
CA ARG A 25 -0.02 18.14 -6.26
C ARG A 25 -0.60 18.84 -7.48
N ALA A 26 0.25 19.13 -8.46
CA ALA A 26 -0.11 19.93 -9.62
C ALA A 26 -0.91 19.16 -10.67
N GLY A 27 -1.11 17.86 -10.51
CA GLY A 27 -1.79 17.09 -11.53
C GLY A 27 -1.00 16.94 -12.82
N GLN A 28 0.33 16.87 -12.74
CA GLN A 28 1.15 16.74 -13.94
C GLN A 28 1.40 15.26 -14.21
N ASP A 29 0.49 14.64 -14.96
CA ASP A 29 0.51 13.19 -15.14
C ASP A 29 1.82 12.71 -15.76
N ASP A 30 2.29 13.38 -16.82
CA ASP A 30 3.51 12.92 -17.49
C ASP A 30 4.73 13.06 -16.59
N GLU A 31 4.87 14.20 -15.89
CA GLU A 31 5.99 14.35 -14.97
C GLU A 31 5.96 13.29 -13.88
N VAL A 32 4.78 12.97 -13.36
CA VAL A 32 4.67 11.96 -12.32
C VAL A 32 5.26 10.65 -12.80
N ARG A 33 4.87 10.21 -13.99
CA ARG A 33 5.36 8.94 -14.50
C ARG A 33 6.86 8.99 -14.79
N ILE A 34 7.34 10.11 -15.33
CA ILE A 34 8.78 10.22 -15.60
C ILE A 34 9.56 10.01 -14.33
N LEU A 35 9.11 10.67 -13.25
CA LEU A 35 9.80 10.59 -11.98
C LEU A 35 9.72 9.18 -11.39
N MET A 36 8.54 8.56 -11.49
CA MET A 36 8.41 7.19 -10.99
C MET A 36 9.30 6.24 -11.78
N ALA A 37 9.34 6.40 -13.11
CA ALA A 37 10.20 5.54 -13.91
C ALA A 37 11.68 5.75 -13.62
N ASN A 38 12.06 6.86 -12.98
CA ASN A 38 13.44 7.11 -12.60
C ASN A 38 13.71 6.82 -11.13
N GLY A 39 12.79 6.14 -10.45
CA GLY A 39 13.07 5.70 -9.10
C GLY A 39 12.59 6.60 -7.98
N ALA A 40 11.73 7.58 -8.27
CA ALA A 40 11.20 8.44 -7.22
C ALA A 40 10.42 7.62 -6.19
N ASP A 41 10.69 7.87 -4.91
CA ASP A 41 9.99 7.16 -3.83
C ASP A 41 8.50 7.51 -3.86
N VAL A 42 7.66 6.53 -4.18
CA VAL A 42 6.22 6.80 -4.31
C VAL A 42 5.62 7.23 -2.98
N ASN A 43 6.25 6.89 -1.87
CA ASN A 43 5.75 7.25 -0.56
C ASN A 43 6.55 8.39 0.08
N ALA A 44 7.23 9.19 -0.73
CA ALA A 44 7.91 10.35 -0.19
C ALA A 44 6.91 11.25 0.53
N THR A 45 7.38 11.93 1.58
CA THR A 45 6.52 12.78 2.40
C THR A 45 7.03 14.22 2.40
N ASP A 46 6.11 15.17 2.41
CA ASP A 46 6.46 16.57 2.51
C ASP A 46 6.48 16.98 3.99
N TRP A 47 6.55 18.30 4.24
CA TRP A 47 6.77 18.81 5.58
C TRP A 47 5.62 18.54 6.55
N VAL A 48 4.41 18.27 6.05
CA VAL A 48 3.30 17.89 6.92
C VAL A 48 3.00 16.40 6.81
N GLY A 49 3.92 15.63 6.22
CA GLY A 49 3.78 14.19 6.18
C GLY A 49 2.87 13.67 5.09
N MET A 50 2.50 14.49 4.12
CA MET A 50 1.66 14.05 3.01
C MET A 50 2.50 13.43 1.90
N THR A 51 1.96 12.38 1.29
CA THR A 51 2.57 11.63 0.21
C THR A 51 2.02 12.11 -1.12
N PRO A 52 2.63 11.70 -2.24
CA PRO A 52 2.00 11.99 -3.54
C PRO A 52 0.55 11.52 -3.59
N LEU A 53 0.27 10.38 -2.96
CA LEU A 53 -1.09 9.86 -2.98
C LEU A 53 -2.02 10.80 -2.22
N HIS A 54 -1.60 11.29 -1.05
CA HIS A 54 -2.39 12.29 -0.34
C HIS A 54 -2.76 13.43 -1.27
N LEU A 55 -1.74 14.00 -1.92
CA LEU A 55 -1.94 15.24 -2.64
C LEU A 55 -2.80 15.00 -3.88
N ALA A 56 -2.52 13.93 -4.60
CA ALA A 56 -3.33 13.65 -5.78
C ALA A 56 -4.77 13.33 -5.40
N ALA A 57 -4.97 12.61 -4.31
CA ALA A 57 -6.32 12.31 -3.86
C ALA A 57 -7.05 13.58 -3.41
N TRP A 58 -6.35 14.46 -2.71
CA TRP A 58 -6.95 15.68 -2.21
C TRP A 58 -7.35 16.61 -3.36
N LYS A 59 -6.48 16.74 -4.36
CA LYS A 59 -6.71 17.67 -5.47
C LYS A 59 -7.55 17.10 -6.59
N GLY A 60 -7.97 15.83 -6.49
CA GLY A 60 -8.83 15.23 -7.49
C GLY A 60 -8.15 14.75 -8.75
N HIS A 61 -6.88 14.39 -8.68
CA HIS A 61 -6.12 13.91 -9.84
C HIS A 61 -6.21 12.38 -9.93
N LEU A 62 -7.27 11.88 -10.58
CA LEU A 62 -7.59 10.46 -10.56
C LEU A 62 -6.50 9.60 -11.20
N GLU A 63 -6.00 9.99 -12.37
CA GLU A 63 -5.00 9.16 -13.04
C GLU A 63 -3.74 9.02 -12.21
N ILE A 64 -3.32 10.09 -11.54
CA ILE A 64 -2.13 9.99 -10.70
C ILE A 64 -2.39 9.07 -9.51
N VAL A 65 -3.58 9.19 -8.89
CA VAL A 65 -3.94 8.24 -7.84
C VAL A 65 -3.83 6.82 -8.36
N GLU A 66 -4.40 6.57 -9.53
CA GLU A 66 -4.41 5.21 -10.06
C GLU A 66 -3.00 4.68 -10.28
N VAL A 67 -2.12 5.48 -10.91
CA VAL A 67 -0.78 4.96 -11.19
C VAL A 67 -0.02 4.73 -9.90
N LEU A 68 -0.20 5.63 -8.92
CA LEU A 68 0.46 5.44 -7.63
C LEU A 68 -0.01 4.14 -6.97
N LEU A 69 -1.32 3.91 -6.94
CA LEU A 69 -1.83 2.70 -6.31
C LEU A 69 -1.35 1.45 -7.03
N LYS A 70 -1.41 1.45 -8.36
CA LYS A 70 -0.99 0.27 -9.14
C LYS A 70 0.46 -0.07 -8.91
N THR A 71 1.29 0.92 -8.64
CA THR A 71 2.73 0.75 -8.47
C THR A 71 3.11 0.50 -7.01
N GLY A 72 2.13 0.37 -6.12
CA GLY A 72 2.39 -0.08 -4.76
C GLY A 72 2.43 0.98 -3.68
N ALA A 73 1.93 2.19 -3.95
CA ALA A 73 1.90 3.25 -2.95
C ALA A 73 1.09 2.82 -1.72
N ASP A 74 1.51 3.31 -0.57
CA ASP A 74 0.83 3.02 0.70
C ASP A 74 -0.53 3.72 0.71
N VAL A 75 -1.60 2.94 0.62
CA VAL A 75 -2.95 3.49 0.49
C VAL A 75 -3.42 4.15 1.78
N ASN A 76 -2.87 3.75 2.94
CA ASN A 76 -3.33 4.25 4.22
C ASN A 76 -2.27 5.09 4.93
N ALA A 77 -1.35 5.69 4.20
CA ALA A 77 -0.36 6.55 4.84
C ALA A 77 -1.06 7.68 5.59
N HIS A 78 -0.58 7.98 6.80
CA HIS A 78 -1.12 9.04 7.65
CA HIS A 78 -1.12 9.04 7.63
C HIS A 78 -0.16 10.21 7.63
N ASP A 79 -0.68 11.43 7.42
CA ASP A 79 0.11 12.65 7.48
C ASP A 79 0.20 13.16 8.93
N VAL A 80 0.80 14.33 9.12
CA VAL A 80 1.02 14.84 10.47
C VAL A 80 -0.32 15.09 11.18
N PHE A 81 -1.38 15.39 10.43
CA PHE A 81 -2.71 15.54 11.01
C PHE A 81 -3.39 14.20 11.27
N GLY A 82 -2.75 13.09 10.91
CA GLY A 82 -3.39 11.79 10.99
C GLY A 82 -4.36 11.49 9.88
N THR A 83 -4.50 12.38 8.90
CA THR A 83 -5.43 12.14 7.81
C THR A 83 -4.78 11.27 6.74
N THR A 84 -5.58 10.41 6.15
CA THR A 84 -5.18 9.52 5.08
C THR A 84 -5.68 10.04 3.76
N PRO A 85 -5.22 9.46 2.64
CA PRO A 85 -5.74 9.88 1.34
C PRO A 85 -7.25 9.76 1.24
N LEU A 86 -7.85 8.75 1.88
CA LEU A 86 -9.30 8.63 1.83
C LEU A 86 -9.97 9.79 2.55
N HIS A 87 -9.44 10.17 3.72
CA HIS A 87 -9.90 11.41 4.37
C HIS A 87 -9.95 12.56 3.38
N LEU A 88 -8.85 12.76 2.66
CA LEU A 88 -8.72 13.94 1.82
C LEU A 88 -9.70 13.90 0.65
N ALA A 89 -9.86 12.75 0.01
CA ALA A 89 -10.83 12.64 -1.09
C ALA A 89 -12.24 12.88 -0.56
N ALA A 90 -12.52 12.39 0.63
CA ALA A 90 -13.82 12.62 1.25
C ALA A 90 -14.04 14.10 1.52
N HIS A 91 -12.98 14.83 1.90
CA HIS A 91 -13.11 16.27 2.16
C HIS A 91 -13.55 17.01 0.91
N ARG A 92 -12.86 16.78 -0.20
CA ARG A 92 -13.10 17.55 -1.41
C ARG A 92 -14.16 16.90 -2.30
N GLY A 93 -14.67 15.74 -1.94
CA GLY A 93 -15.77 15.16 -2.68
C GLY A 93 -15.37 14.46 -3.97
N HIS A 94 -14.23 13.80 -3.98
CA HIS A 94 -13.76 13.12 -5.19
C HIS A 94 -14.24 11.67 -5.16
N LEU A 95 -15.41 11.43 -5.75
CA LEU A 95 -16.09 10.15 -5.61
C LEU A 95 -15.30 9.02 -6.26
N GLU A 96 -14.90 9.19 -7.52
CA GLU A 96 -14.19 8.10 -8.19
C GLU A 96 -12.90 7.77 -7.46
N ILE A 97 -12.22 8.78 -6.93
CA ILE A 97 -11.00 8.53 -6.17
C ILE A 97 -11.31 7.77 -4.89
N VAL A 98 -12.41 8.12 -4.23
CA VAL A 98 -12.83 7.39 -3.05
C VAL A 98 -12.99 5.93 -3.38
N GLU A 99 -13.65 5.64 -4.50
CA GLU A 99 -13.89 4.26 -4.90
C GLU A 99 -12.60 3.52 -5.17
N VAL A 100 -11.66 4.11 -5.92
CA VAL A 100 -10.42 3.38 -6.22
C VAL A 100 -9.60 3.21 -4.95
N LEU A 101 -9.58 4.23 -4.08
CA LEU A 101 -8.86 4.08 -2.82
C LEU A 101 -9.40 2.88 -2.04
N LEU A 102 -10.72 2.77 -1.93
CA LEU A 102 -11.33 1.66 -1.20
C LEU A 102 -10.97 0.31 -1.82
N LYS A 103 -11.00 0.22 -3.15
CA LYS A 103 -10.66 -1.02 -3.84
C LYS A 103 -9.20 -1.39 -3.61
N ALA A 104 -8.32 -0.40 -3.49
CA ALA A 104 -6.92 -0.65 -3.21
C ALA A 104 -6.66 -0.93 -1.74
N GLY A 105 -7.69 -0.97 -0.92
CA GLY A 105 -7.55 -1.33 0.48
C GLY A 105 -7.58 -0.21 1.49
N ALA A 106 -8.06 0.99 1.12
CA ALA A 106 -8.11 2.09 2.07
C ALA A 106 -8.95 1.70 3.29
N ASP A 107 -8.47 2.09 4.47
CA ASP A 107 -9.19 1.85 5.73
C ASP A 107 -10.36 2.82 5.85
N VAL A 108 -11.58 2.28 5.69
CA VAL A 108 -12.79 3.08 5.66
C VAL A 108 -13.05 3.83 6.95
N ASN A 109 -12.49 3.35 8.07
CA ASN A 109 -12.75 3.91 9.39
C ASN A 109 -11.48 4.48 10.02
N ALA A 110 -10.50 4.87 9.21
CA ALA A 110 -9.30 5.50 9.74
C ALA A 110 -9.63 6.79 10.48
N GLN A 111 -8.95 7.01 11.58
CA GLN A 111 -9.15 8.19 12.43
C GLN A 111 -7.95 9.10 12.37
N ASP A 112 -8.19 10.40 12.18
CA ASP A 112 -7.12 11.39 12.23
C ASP A 112 -6.84 11.76 13.70
N MET A 113 -6.05 12.81 13.90
CA MET A 113 -5.55 13.16 15.24
C MET A 113 -6.67 13.57 16.19
N VAL A 114 -7.82 13.99 15.69
CA VAL A 114 -8.94 14.32 16.56
C VAL A 114 -10.09 13.34 16.38
N GLY A 115 -9.82 12.14 15.89
CA GLY A 115 -10.82 11.09 15.84
C GLY A 115 -11.78 11.16 14.68
N LYS A 116 -11.52 11.99 13.68
CA LYS A 116 -12.44 12.07 12.54
C LYS A 116 -12.15 10.94 11.57
N THR A 117 -13.22 10.33 11.09
CA THR A 117 -13.17 9.32 10.05
C THR A 117 -13.54 9.95 8.73
N PRO A 118 -13.28 9.28 7.62
CA PRO A 118 -13.74 9.81 6.34
C PRO A 118 -15.23 10.06 6.31
N LEU A 119 -16.02 9.23 7.00
CA LEU A 119 -17.46 9.46 7.00
C LEU A 119 -17.80 10.80 7.65
N HIS A 120 -17.09 11.16 8.73
CA HIS A 120 -17.24 12.47 9.34
C HIS A 120 -17.07 13.57 8.30
N LEU A 121 -15.98 13.49 7.54
CA LEU A 121 -15.67 14.54 6.57
C LEU A 121 -16.70 14.58 5.45
N ALA A 122 -17.03 13.42 4.90
CA ALA A 122 -18.02 13.41 3.84
C ALA A 122 -19.35 13.96 4.34
N ALA A 123 -19.72 13.65 5.58
CA ALA A 123 -21.00 14.12 6.08
C ALA A 123 -20.98 15.63 6.31
N TYR A 124 -19.91 16.14 6.90
CA TYR A 124 -19.81 17.57 7.18
C TYR A 124 -19.76 18.38 5.89
N TYR A 125 -18.91 17.98 4.95
CA TYR A 125 -18.69 18.74 3.72
C TYR A 125 -19.71 18.47 2.61
N GLY A 126 -20.76 17.70 2.91
CA GLY A 126 -21.92 17.62 2.04
C GLY A 126 -21.81 16.73 0.82
N HIS A 127 -21.04 15.64 0.89
CA HIS A 127 -20.82 14.76 -0.25
C HIS A 127 -21.65 13.49 -0.07
N LEU A 128 -22.88 13.53 -0.58
CA LEU A 128 -23.86 12.48 -0.28
C LEU A 128 -23.44 11.14 -0.86
N GLU A 129 -23.02 11.13 -2.13
CA GLU A 129 -22.63 9.89 -2.78
C GLU A 129 -21.46 9.24 -2.06
N ILE A 130 -20.48 10.04 -1.66
CA ILE A 130 -19.35 9.49 -0.92
C ILE A 130 -19.83 8.91 0.40
N VAL A 131 -20.75 9.60 1.08
CA VAL A 131 -21.34 9.05 2.31
C VAL A 131 -21.91 7.66 2.05
N GLU A 132 -22.70 7.51 0.98
CA GLU A 132 -23.34 6.23 0.72
C GLU A 132 -22.30 5.16 0.41
N VAL A 133 -21.28 5.49 -0.39
CA VAL A 133 -20.22 4.54 -0.70
C VAL A 133 -19.49 4.12 0.57
N LEU A 134 -19.16 5.09 1.41
CA LEU A 134 -18.45 4.73 2.64
C LEU A 134 -19.29 3.79 3.50
N LEU A 135 -20.57 4.10 3.67
CA LEU A 135 -21.42 3.22 4.46
C LEU A 135 -21.45 1.83 3.87
N LYS A 136 -21.55 1.75 2.55
CA LYS A 136 -21.57 0.48 1.83
C LYS A 136 -20.29 -0.31 2.09
N HIS A 137 -19.16 0.36 2.30
CA HIS A 137 -17.90 -0.30 2.60
C HIS A 137 -17.65 -0.45 4.10
N GLY A 138 -18.68 -0.33 4.93
CA GLY A 138 -18.51 -0.61 6.34
C GLY A 138 -18.11 0.57 7.20
N ALA A 139 -18.30 1.80 6.73
CA ALA A 139 -18.02 2.95 7.57
C ALA A 139 -18.84 2.88 8.84
N ASP A 140 -18.24 3.30 9.95
CA ASP A 140 -18.86 3.21 11.27
C ASP A 140 -19.76 4.42 11.51
N VAL A 141 -21.07 4.19 11.42
CA VAL A 141 -22.01 5.29 11.55
C VAL A 141 -22.06 5.86 12.96
N ASN A 142 -21.53 5.13 13.95
CA ASN A 142 -21.50 5.58 15.34
C ASN A 142 -20.14 6.11 15.76
N ALA A 143 -19.18 6.22 14.84
CA ALA A 143 -17.85 6.74 15.19
C ALA A 143 -17.95 8.14 15.80
N GLN A 144 -17.29 8.34 16.94
CA GLN A 144 -17.24 9.63 17.59
C GLN A 144 -15.82 10.18 17.53
N ASP A 145 -15.72 11.48 17.25
CA ASP A 145 -14.44 12.15 17.31
C ASP A 145 -14.14 12.51 18.76
N LYS A 146 -13.04 13.22 18.98
CA LYS A 146 -12.63 13.51 20.35
C LYS A 146 -13.65 14.36 21.10
N PHE A 147 -14.53 15.08 20.39
CA PHE A 147 -15.56 15.86 21.04
C PHE A 147 -16.92 15.14 21.08
N GLY A 148 -16.93 13.84 20.82
CA GLY A 148 -18.15 13.06 20.90
C GLY A 148 -19.07 13.17 19.70
N LYS A 149 -18.68 13.88 18.65
CA LYS A 149 -19.54 14.06 17.48
C LYS A 149 -19.49 12.84 16.56
N THR A 150 -20.67 12.36 16.15
CA THR A 150 -20.78 11.38 15.08
C THR A 150 -20.92 12.08 13.74
N PRO A 151 -20.77 11.33 12.64
CA PRO A 151 -21.04 11.95 11.33
C PRO A 151 -22.44 12.54 11.26
N PHE A 152 -23.44 11.87 11.83
CA PHE A 152 -24.79 12.41 11.86
C PHE A 152 -24.82 13.78 12.53
N ASP A 153 -24.14 13.91 13.67
CA ASP A 153 -24.10 15.21 14.34
C ASP A 153 -23.55 16.29 13.42
N LEU A 154 -22.52 15.96 12.65
CA LEU A 154 -21.91 16.97 11.80
C LEU A 154 -22.82 17.35 10.65
N ALA A 155 -23.51 16.35 10.07
CA ALA A 155 -24.49 16.64 9.03
C ALA A 155 -25.58 17.57 9.56
N ILE A 156 -26.08 17.28 10.76
CA ILE A 156 -27.10 18.13 11.39
C ILE A 156 -26.53 19.52 11.63
N ASP A 157 -25.33 19.60 12.20
CA ASP A 157 -24.71 20.91 12.48
C ASP A 157 -24.66 21.79 11.23
N ASN A 158 -24.38 21.19 10.09
CA ASN A 158 -24.22 21.93 8.85
C ASN A 158 -25.49 21.96 8.02
N GLY A 159 -26.60 21.46 8.55
CA GLY A 159 -27.83 21.48 7.79
C GLY A 159 -27.76 20.66 6.52
N ASN A 160 -26.99 19.57 6.51
CA ASN A 160 -26.96 18.66 5.36
C ASN A 160 -28.02 17.59 5.56
N GLU A 161 -29.28 17.96 5.26
CA GLU A 161 -30.41 17.13 5.69
C GLU A 161 -30.52 15.83 4.91
N ASP A 162 -30.26 15.84 3.60
CA ASP A 162 -30.26 14.58 2.87
C ASP A 162 -29.25 13.60 3.45
N ILE A 163 -28.04 14.07 3.76
CA ILE A 163 -27.03 13.20 4.36
C ILE A 163 -27.47 12.72 5.73
N ALA A 164 -28.04 13.62 6.53
CA ALA A 164 -28.53 13.23 7.86
C ALA A 164 -29.53 12.09 7.76
N GLU A 165 -30.43 12.16 6.78
CA GLU A 165 -31.43 11.09 6.62
C GLU A 165 -30.76 9.77 6.25
N VAL A 166 -29.82 9.80 5.32
CA VAL A 166 -29.13 8.58 4.92
C VAL A 166 -28.42 7.98 6.13
N LEU A 167 -27.78 8.83 6.94
CA LEU A 167 -27.09 8.35 8.13
C LEU A 167 -28.07 7.76 9.13
N GLN A 168 -29.23 8.41 9.31
CA GLN A 168 -30.26 7.87 10.20
C GLN A 168 -30.73 6.50 9.72
N LYS A 169 -30.94 6.36 8.42
CA LYS A 169 -31.35 5.07 7.87
C LYS A 169 -30.32 3.99 8.21
N ALA A 170 -29.04 4.29 7.98
CA ALA A 170 -28.00 3.29 8.25
C ALA A 170 -27.95 2.95 9.73
N ALA A 171 -28.11 3.95 10.59
CA ALA A 171 -28.08 3.70 12.03
C ALA A 171 -29.25 2.83 12.47
N LYS A 172 -30.43 3.10 11.91
CA LYS A 172 -31.62 2.34 12.25
C LYS A 172 -31.46 0.87 11.83
N LEU A 173 -30.88 0.65 10.65
CA LEU A 173 -30.51 -0.71 10.22
C LEU A 173 -29.53 -1.34 11.21
N ASN A 174 -28.45 -0.62 11.51
CA ASN A 174 -27.42 -1.13 12.42
C ASN A 174 -28.00 -1.40 13.82
N ASP A 175 -29.01 -0.62 14.23
CA ASP A 175 -29.58 -0.76 15.57
C ASP A 175 -30.49 -1.95 15.69
N TYR A 176 -30.97 -2.50 14.58
CA TYR A 176 -31.83 -3.67 14.61
C TYR A 176 -31.02 -4.91 14.96
N HIS B 12 7.51 -7.76 -30.99
CA HIS B 12 6.93 -9.07 -30.69
C HIS B 12 7.53 -9.69 -29.42
N GLY B 13 8.87 -9.78 -29.34
CA GLY B 13 9.48 -10.02 -28.05
C GLY B 13 9.05 -8.96 -27.04
N SER B 14 9.01 -7.71 -27.47
CA SER B 14 8.48 -6.61 -26.67
C SER B 14 6.99 -6.79 -26.41
N ASP B 15 6.24 -7.18 -27.45
CA ASP B 15 4.81 -7.35 -27.31
C ASP B 15 4.47 -8.52 -26.40
N LEU B 16 5.18 -9.64 -26.56
CA LEU B 16 4.91 -10.81 -25.72
C LEU B 16 5.23 -10.49 -24.27
N GLY B 17 6.32 -9.76 -24.04
CA GLY B 17 6.67 -9.43 -22.67
C GLY B 17 5.59 -8.57 -22.03
N LYS B 18 5.10 -7.56 -22.75
CA LYS B 18 4.01 -6.73 -22.26
C LYS B 18 2.78 -7.58 -21.93
N LYS B 19 2.40 -8.46 -22.86
CA LYS B 19 1.25 -9.32 -22.62
C LYS B 19 1.50 -10.23 -21.42
N LEU B 20 2.72 -10.74 -21.27
CA LEU B 20 3.01 -11.63 -20.13
C LEU B 20 2.89 -10.88 -18.81
N LEU B 21 3.44 -9.66 -18.75
CA LEU B 21 3.30 -8.82 -17.57
C LEU B 21 1.83 -8.59 -17.23
N GLU B 22 1.01 -8.26 -18.22
CA GLU B 22 -0.41 -8.04 -17.95
C GLU B 22 -1.09 -9.32 -17.47
N ALA B 23 -0.75 -10.47 -18.06
CA ALA B 23 -1.37 -11.73 -17.65
C ALA B 23 -1.00 -12.06 -16.20
N ALA B 24 0.25 -11.81 -15.83
CA ALA B 24 0.71 -12.10 -14.47
C ALA B 24 0.00 -11.21 -13.46
N ARG B 25 -0.08 -9.89 -13.73
CA ARG B 25 -0.78 -8.97 -12.84
C ARG B 25 -2.24 -9.37 -12.69
N ALA B 26 -2.88 -9.72 -13.80
CA ALA B 26 -4.29 -10.07 -13.80
C ALA B 26 -4.57 -11.48 -13.28
N GLY B 27 -3.55 -12.28 -13.01
CA GLY B 27 -3.77 -13.63 -12.53
C GLY B 27 -4.37 -14.57 -13.56
N GLN B 28 -4.00 -14.42 -14.83
CA GLN B 28 -4.51 -15.27 -15.91
C GLN B 28 -3.56 -16.42 -16.10
N ASP B 29 -3.81 -17.52 -15.39
CA ASP B 29 -2.85 -18.63 -15.33
C ASP B 29 -2.55 -19.23 -16.70
N ASP B 30 -3.58 -19.56 -17.48
CA ASP B 30 -3.34 -20.15 -18.79
C ASP B 30 -2.59 -19.18 -19.69
N GLU B 31 -3.01 -17.92 -19.71
CA GLU B 31 -2.38 -16.94 -20.58
C GLU B 31 -0.89 -16.87 -20.31
N VAL B 32 -0.50 -16.89 -19.03
CA VAL B 32 0.91 -16.84 -18.69
C VAL B 32 1.66 -17.98 -19.37
N ARG B 33 1.12 -19.19 -19.27
CA ARG B 33 1.80 -20.35 -19.84
C ARG B 33 1.83 -20.27 -21.36
N ILE B 34 0.73 -19.83 -21.96
CA ILE B 34 0.65 -19.68 -23.41
C ILE B 34 1.70 -18.70 -23.89
N LEU B 35 1.80 -17.55 -23.23
CA LEU B 35 2.71 -16.52 -23.68
C LEU B 35 4.15 -17.00 -23.60
N MET B 36 4.52 -17.66 -22.51
CA MET B 36 5.88 -18.19 -22.41
C MET B 36 6.12 -19.28 -23.45
N ALA B 37 5.14 -20.15 -23.68
CA ALA B 37 5.29 -21.16 -24.71
C ALA B 37 5.44 -20.54 -26.10
N ASN B 38 5.06 -19.29 -26.28
CA ASN B 38 5.28 -18.60 -27.54
C ASN B 38 6.48 -17.66 -27.50
N GLY B 39 7.30 -17.74 -26.47
CA GLY B 39 8.58 -17.07 -26.44
C GLY B 39 8.67 -15.86 -25.54
N ALA B 40 7.66 -15.61 -24.70
CA ALA B 40 7.71 -14.47 -23.78
C ALA B 40 8.87 -14.62 -22.81
N ASP B 41 9.62 -13.54 -22.65
CA ASP B 41 10.70 -13.50 -21.69
C ASP B 41 10.14 -13.50 -20.28
N VAL B 42 10.44 -14.57 -19.52
CA VAL B 42 9.94 -14.71 -18.16
C VAL B 42 10.42 -13.57 -17.29
N ASN B 43 11.52 -12.91 -17.68
CA ASN B 43 12.06 -11.78 -16.93
C ASN B 43 11.83 -10.45 -17.64
N ALA B 44 10.77 -10.35 -18.46
CA ALA B 44 10.38 -9.09 -19.04
C ALA B 44 10.08 -8.09 -17.94
N THR B 45 10.30 -6.81 -18.23
CA THR B 45 10.09 -5.73 -17.27
C THR B 45 9.09 -4.72 -17.79
N ASP B 46 8.28 -4.17 -16.87
CA ASP B 46 7.32 -3.14 -17.25
C ASP B 46 8.01 -1.80 -17.12
N TRP B 47 7.24 -0.71 -17.21
CA TRP B 47 7.83 0.62 -17.28
C TRP B 47 8.60 1.01 -16.02
N VAL B 48 8.34 0.39 -14.88
CA VAL B 48 9.10 0.67 -13.66
C VAL B 48 10.04 -0.48 -13.30
N GLY B 49 10.30 -1.38 -14.25
CA GLY B 49 11.23 -2.45 -14.01
C GLY B 49 10.68 -3.63 -13.26
N MET B 50 9.35 -3.75 -13.10
CA MET B 50 8.80 -4.91 -12.43
C MET B 50 8.65 -6.05 -13.43
N THR B 51 8.94 -7.26 -12.96
CA THR B 51 8.85 -8.48 -13.75
C THR B 51 7.51 -9.16 -13.51
N PRO B 52 7.19 -10.17 -14.32
CA PRO B 52 5.99 -10.97 -14.03
C PRO B 52 5.99 -11.51 -12.62
N LEU B 53 7.15 -11.91 -12.12
CA LEU B 53 7.20 -12.42 -10.76
C LEU B 53 6.81 -11.33 -9.78
N HIS B 54 7.35 -10.12 -9.97
CA HIS B 54 6.93 -8.98 -9.16
C HIS B 54 5.41 -8.88 -9.13
N LEU B 55 4.80 -8.84 -10.31
CA LEU B 55 3.40 -8.52 -10.40
C LEU B 55 2.54 -9.62 -9.78
N ALA B 56 2.91 -10.88 -10.02
CA ALA B 56 2.14 -11.99 -9.45
C ALA B 56 2.27 -12.02 -7.93
N ALA B 57 3.45 -11.68 -7.41
CA ALA B 57 3.63 -11.62 -5.96
C ALA B 57 2.79 -10.49 -5.36
N TRP B 58 2.75 -9.35 -6.05
CA TRP B 58 2.02 -8.19 -5.57
C TRP B 58 0.52 -8.46 -5.56
N LYS B 59 0.01 -9.12 -6.59
CA LYS B 59 -1.41 -9.38 -6.69
C LYS B 59 -1.83 -10.69 -6.06
N GLY B 60 -0.91 -11.43 -5.44
CA GLY B 60 -1.29 -12.62 -4.69
C GLY B 60 -1.66 -13.82 -5.53
N HIS B 61 -1.08 -13.95 -6.72
CA HIS B 61 -1.37 -15.07 -7.63
C HIS B 61 -0.32 -16.18 -7.44
N LEU B 62 -0.60 -17.08 -6.48
CA LEU B 62 0.37 -18.10 -6.07
C LEU B 62 0.73 -19.05 -7.22
N GLU B 63 -0.26 -19.50 -7.98
CA GLU B 63 0.01 -20.46 -9.03
C GLU B 63 0.97 -19.89 -10.05
N ILE B 64 0.77 -18.62 -10.41
CA ILE B 64 1.63 -17.98 -11.40
C ILE B 64 3.04 -17.82 -10.84
N VAL B 65 3.16 -17.39 -9.58
CA VAL B 65 4.48 -17.31 -8.96
C VAL B 65 5.22 -18.64 -9.12
N GLU B 66 4.54 -19.75 -8.80
CA GLU B 66 5.20 -21.04 -8.85
C GLU B 66 5.70 -21.33 -10.26
N VAL B 67 4.82 -21.18 -11.26
CA VAL B 67 5.25 -21.50 -12.62
C VAL B 67 6.34 -20.55 -13.06
N LEU B 68 6.26 -19.27 -12.70
CA LEU B 68 7.30 -18.33 -13.12
C LEU B 68 8.64 -18.76 -12.58
N LEU B 69 8.68 -19.13 -11.30
CA LEU B 69 9.92 -19.63 -10.71
C LEU B 69 10.39 -20.91 -11.41
N LYS B 70 9.45 -21.80 -11.70
CA LYS B 70 9.80 -23.07 -12.34
C LYS B 70 10.45 -22.83 -13.70
N THR B 71 10.01 -21.80 -14.43
CA THR B 71 10.51 -21.50 -15.76
C THR B 71 11.72 -20.55 -15.75
N GLY B 72 12.28 -20.24 -14.59
CA GLY B 72 13.51 -19.47 -14.51
C GLY B 72 13.40 -18.00 -14.13
N ALA B 73 12.27 -17.57 -13.56
CA ALA B 73 12.17 -16.18 -13.15
C ALA B 73 13.24 -15.86 -12.10
N ASP B 74 13.83 -14.68 -12.20
CA ASP B 74 14.82 -14.23 -11.22
C ASP B 74 14.12 -13.85 -9.92
N VAL B 75 14.33 -14.66 -8.87
CA VAL B 75 13.65 -14.48 -7.60
C VAL B 75 14.12 -13.22 -6.90
N ASN B 76 15.29 -12.71 -7.24
CA ASN B 76 15.84 -11.52 -6.59
C ASN B 76 15.92 -10.33 -7.53
N ALA B 77 15.10 -10.32 -8.57
CA ALA B 77 15.05 -9.17 -9.44
C ALA B 77 14.59 -7.94 -8.67
N HIS B 78 15.21 -6.80 -8.99
CA HIS B 78 14.89 -5.51 -8.38
CA HIS B 78 14.85 -5.53 -8.38
C HIS B 78 14.30 -4.59 -9.46
N ASP B 79 13.22 -3.88 -9.11
CA ASP B 79 12.68 -2.90 -10.05
C ASP B 79 13.45 -1.58 -9.88
N VAL B 80 13.00 -0.51 -10.54
CA VAL B 80 13.73 0.77 -10.51
C VAL B 80 13.81 1.34 -9.09
N PHE B 81 12.84 1.01 -8.21
CA PHE B 81 12.90 1.39 -6.79
C PHE B 81 13.73 0.42 -5.94
N GLY B 82 14.34 -0.60 -6.53
CA GLY B 82 15.02 -1.57 -5.70
C GLY B 82 14.11 -2.59 -5.06
N THR B 83 12.83 -2.59 -5.39
CA THR B 83 11.88 -3.52 -4.79
C THR B 83 12.00 -4.88 -5.45
N THR B 84 11.96 -5.91 -4.63
CA THR B 84 11.99 -7.30 -5.08
C THR B 84 10.62 -7.92 -4.92
N PRO B 85 10.39 -9.09 -5.50
CA PRO B 85 9.08 -9.75 -5.33
C PRO B 85 8.74 -10.03 -3.89
N LEU B 86 9.73 -10.35 -3.07
CA LEU B 86 9.49 -10.63 -1.66
C LEU B 86 9.00 -9.41 -0.92
N HIS B 87 9.58 -8.24 -1.22
CA HIS B 87 9.07 -6.97 -0.72
C HIS B 87 7.57 -6.87 -0.96
N LEU B 88 7.15 -7.08 -2.22
CA LEU B 88 5.76 -6.90 -2.59
C LEU B 88 4.87 -7.92 -1.91
N ALA B 89 5.31 -9.18 -1.84
CA ALA B 89 4.50 -10.19 -1.16
C ALA B 89 4.38 -9.86 0.32
N ALA B 90 5.48 -9.40 0.93
CA ALA B 90 5.40 -8.98 2.32
C ALA B 90 4.46 -7.78 2.46
N HIS B 91 4.48 -6.88 1.49
CA HIS B 91 3.58 -5.73 1.55
C HIS B 91 2.13 -6.17 1.42
N ARG B 92 1.81 -7.02 0.43
CA ARG B 92 0.46 -7.52 0.28
C ARG B 92 0.07 -8.49 1.38
N GLY B 93 1.05 -9.13 2.01
CA GLY B 93 0.75 -10.09 3.04
C GLY B 93 0.29 -11.44 2.54
N HIS B 94 0.89 -11.94 1.47
CA HIS B 94 0.51 -13.27 0.98
C HIS B 94 1.53 -14.25 1.54
N LEU B 95 1.13 -14.97 2.59
CA LEU B 95 2.04 -15.81 3.36
C LEU B 95 2.63 -16.91 2.49
N GLU B 96 1.79 -17.63 1.75
CA GLU B 96 2.28 -18.74 0.96
C GLU B 96 3.26 -18.26 -0.10
N ILE B 97 3.00 -17.10 -0.71
CA ILE B 97 3.93 -16.56 -1.69
C ILE B 97 5.26 -16.21 -1.04
N VAL B 98 5.23 -15.66 0.18
CA VAL B 98 6.47 -15.37 0.89
C VAL B 98 7.26 -16.66 1.11
N GLU B 99 6.60 -17.71 1.56
CA GLU B 99 7.33 -18.96 1.80
C GLU B 99 7.91 -19.50 0.50
N VAL B 100 7.14 -19.47 -0.58
CA VAL B 100 7.65 -20.02 -1.82
C VAL B 100 8.83 -19.20 -2.33
N LEU B 101 8.74 -17.87 -2.25
CA LEU B 101 9.85 -17.04 -2.70
C LEU B 101 11.11 -17.36 -1.90
N LEU B 102 10.99 -17.43 -0.58
CA LEU B 102 12.14 -17.70 0.26
C LEU B 102 12.74 -19.06 -0.09
N LYS B 103 11.90 -20.08 -0.19
CA LYS B 103 12.40 -21.40 -0.53
C LYS B 103 13.13 -21.36 -1.85
N ALA B 104 12.69 -20.51 -2.77
CA ALA B 104 13.36 -20.37 -4.05
C ALA B 104 14.62 -19.53 -3.97
N GLY B 105 15.00 -19.06 -2.79
CA GLY B 105 16.24 -18.34 -2.61
C GLY B 105 16.10 -16.83 -2.49
N ALA B 106 14.90 -16.31 -2.26
CA ALA B 106 14.73 -14.87 -2.14
C ALA B 106 15.60 -14.33 -1.01
N ASP B 107 16.20 -13.16 -1.24
CA ASP B 107 17.04 -12.50 -0.22
C ASP B 107 16.16 -11.90 0.88
N VAL B 108 16.21 -12.51 2.07
CA VAL B 108 15.32 -12.10 3.15
C VAL B 108 15.59 -10.66 3.57
N ASN B 109 16.78 -10.15 3.29
CA ASN B 109 17.19 -8.83 3.76
C ASN B 109 17.48 -7.87 2.64
N ALA B 110 16.91 -8.07 1.45
CA ALA B 110 17.12 -7.12 0.38
C ALA B 110 16.58 -5.76 0.79
N GLN B 111 17.33 -4.72 0.43
CA GLN B 111 16.98 -3.35 0.76
C GLN B 111 16.60 -2.62 -0.52
N ASP B 112 15.49 -1.90 -0.47
CA ASP B 112 15.11 -1.08 -1.61
C ASP B 112 15.89 0.24 -1.56
N MET B 113 15.58 1.14 -2.49
CA MET B 113 16.38 2.35 -2.61
C MET B 113 16.21 3.31 -1.45
N VAL B 114 15.25 3.09 -0.55
CA VAL B 114 15.18 3.87 0.68
C VAL B 114 15.48 3.00 1.89
N GLY B 115 16.14 1.86 1.66
CA GLY B 115 16.65 1.02 2.74
C GLY B 115 15.64 0.12 3.41
N LYS B 116 14.45 -0.03 2.84
CA LYS B 116 13.42 -0.86 3.45
C LYS B 116 13.58 -2.31 3.05
N THR B 117 13.47 -3.19 4.03
CA THR B 117 13.54 -4.62 3.85
C THR B 117 12.17 -5.24 3.89
N PRO B 118 12.04 -6.49 3.45
CA PRO B 118 10.74 -7.14 3.57
C PRO B 118 10.20 -7.13 4.98
N LEU B 119 11.05 -7.24 6.00
CA LEU B 119 10.58 -7.20 7.38
C LEU B 119 10.03 -5.83 7.74
N HIS B 120 10.65 -4.76 7.24
CA HIS B 120 10.09 -3.43 7.43
C HIS B 120 8.65 -3.39 6.96
N LEU B 121 8.42 -3.84 5.73
CA LEU B 121 7.11 -3.76 5.11
C LEU B 121 6.10 -4.65 5.84
N ALA B 122 6.48 -5.88 6.14
CA ALA B 122 5.56 -6.76 6.85
C ALA B 122 5.16 -6.17 8.19
N ALA B 123 6.13 -5.57 8.88
CA ALA B 123 5.86 -4.97 10.17
C ALA B 123 4.96 -3.73 10.02
N TYR B 124 5.21 -2.91 9.01
CA TYR B 124 4.41 -1.71 8.79
C TYR B 124 2.99 -2.06 8.38
N TYR B 125 2.82 -2.98 7.42
CA TYR B 125 1.49 -3.27 6.93
C TYR B 125 0.75 -4.29 7.78
N GLY B 126 1.31 -4.68 8.92
CA GLY B 126 0.55 -5.42 9.91
C GLY B 126 0.36 -6.89 9.63
N HIS B 127 1.32 -7.54 8.98
CA HIS B 127 1.22 -8.94 8.59
C HIS B 127 2.06 -9.78 9.55
N LEU B 128 1.44 -10.22 10.63
CA LEU B 128 2.16 -10.86 11.73
C LEU B 128 2.77 -12.20 11.32
N GLU B 129 2.00 -13.05 10.66
CA GLU B 129 2.56 -14.35 10.28
C GLU B 129 3.79 -14.16 9.40
N ILE B 130 3.74 -13.20 8.45
CA ILE B 130 4.90 -12.97 7.59
C ILE B 130 6.09 -12.49 8.41
N VAL B 131 5.85 -11.60 9.39
CA VAL B 131 6.93 -11.13 10.25
C VAL B 131 7.65 -12.32 10.87
N GLU B 132 6.89 -13.26 11.42
CA GLU B 132 7.50 -14.40 12.10
C GLU B 132 8.25 -15.28 11.10
N VAL B 133 7.67 -15.53 9.93
CA VAL B 133 8.35 -16.33 8.93
C VAL B 133 9.65 -15.67 8.53
N LEU B 134 9.61 -14.36 8.26
CA LEU B 134 10.82 -13.65 7.87
C LEU B 134 11.88 -13.77 8.95
N LEU B 135 11.47 -13.58 10.20
CA LEU B 135 12.41 -13.72 11.30
C LEU B 135 13.01 -15.12 11.31
N LYS B 136 12.18 -16.14 11.06
CA LYS B 136 12.69 -17.51 11.05
C LYS B 136 13.78 -17.67 10.01
N HIS B 137 13.68 -16.95 8.88
CA HIS B 137 14.63 -17.06 7.80
C HIS B 137 15.76 -16.06 7.90
N GLY B 138 16.00 -15.49 9.07
CA GLY B 138 17.17 -14.65 9.28
C GLY B 138 16.98 -13.18 8.99
N ALA B 139 15.74 -12.69 8.94
CA ALA B 139 15.51 -11.27 8.72
C ALA B 139 16.20 -10.44 9.81
N ASP B 140 16.80 -9.32 9.40
CA ASP B 140 17.60 -8.49 10.29
C ASP B 140 16.66 -7.57 11.07
N VAL B 141 16.43 -7.91 12.33
CA VAL B 141 15.51 -7.14 13.13
C VAL B 141 16.04 -5.74 13.39
N ASN B 142 17.35 -5.52 13.21
CA ASN B 142 17.96 -4.22 13.48
C ASN B 142 18.18 -3.39 12.22
N ALA B 143 17.76 -3.88 11.07
CA ALA B 143 17.93 -3.14 9.82
C ALA B 143 17.29 -1.78 9.92
N GLN B 144 18.02 -0.73 9.54
CA GLN B 144 17.49 0.62 9.52
C GLN B 144 17.29 1.10 8.09
N ASP B 145 16.18 1.81 7.83
CA ASP B 145 15.96 2.38 6.51
C ASP B 145 16.66 3.73 6.39
N LYS B 146 16.46 4.39 5.26
CA LYS B 146 17.15 5.65 4.98
C LYS B 146 16.88 6.70 6.06
N PHE B 147 15.75 6.60 6.76
CA PHE B 147 15.44 7.54 7.83
C PHE B 147 15.74 6.96 9.22
N GLY B 148 16.49 5.87 9.29
CA GLY B 148 16.88 5.29 10.56
C GLY B 148 15.83 4.40 11.22
N LYS B 149 14.70 4.16 10.57
CA LYS B 149 13.65 3.35 11.19
C LYS B 149 13.95 1.86 11.05
N THR B 150 13.86 1.15 12.15
CA THR B 150 13.88 -0.31 12.14
C THR B 150 12.47 -0.82 11.93
N PRO B 151 12.31 -2.11 11.61
CA PRO B 151 10.95 -2.66 11.53
C PRO B 151 10.13 -2.42 12.78
N PHE B 152 10.76 -2.49 13.96
CA PHE B 152 10.05 -2.21 15.19
C PHE B 152 9.48 -0.79 15.18
N ASP B 153 10.30 0.18 14.76
CA ASP B 153 9.82 1.56 14.72
C ASP B 153 8.58 1.67 13.85
N LEU B 154 8.57 1.01 12.69
CA LEU B 154 7.44 1.15 11.79
C LEU B 154 6.19 0.46 12.35
N ALA B 155 6.36 -0.68 13.01
CA ALA B 155 5.21 -1.29 13.68
C ALA B 155 4.58 -0.31 14.66
N ILE B 156 5.42 0.37 15.45
CA ILE B 156 4.92 1.34 16.42
C ILE B 156 4.21 2.48 15.70
N ASP B 157 4.83 3.02 14.64
CA ASP B 157 4.24 4.14 13.91
C ASP B 157 2.82 3.82 13.45
N ASN B 158 2.58 2.58 12.98
CA ASN B 158 1.28 2.17 12.50
C ASN B 158 0.42 1.49 13.57
N GLY B 159 0.84 1.54 14.83
CA GLY B 159 0.04 0.98 15.92
C GLY B 159 -0.16 -0.52 15.83
N ASN B 160 0.81 -1.24 15.27
CA ASN B 160 0.79 -2.71 15.24
C ASN B 160 1.57 -3.22 16.46
N GLU B 161 0.90 -3.19 17.62
CA GLU B 161 1.59 -3.42 18.88
C GLU B 161 1.97 -4.87 19.07
N ASP B 162 1.13 -5.81 18.60
CA ASP B 162 1.49 -7.22 18.66
C ASP B 162 2.77 -7.48 17.89
N ILE B 163 2.88 -6.93 16.68
CA ILE B 163 4.09 -7.12 15.89
C ILE B 163 5.28 -6.47 16.59
N ALA B 164 5.08 -5.27 17.11
CA ALA B 164 6.17 -4.59 17.81
C ALA B 164 6.68 -5.44 18.96
N GLU B 165 5.78 -6.08 19.71
CA GLU B 165 6.19 -6.93 20.82
C GLU B 165 7.01 -8.12 20.32
N VAL B 166 6.58 -8.75 19.23
CA VAL B 166 7.32 -9.87 18.64
C VAL B 166 8.71 -9.43 18.19
N LEU B 167 8.79 -8.27 17.54
CA LEU B 167 10.07 -7.79 17.04
C LEU B 167 11.01 -7.46 18.19
N GLN B 168 10.50 -6.80 19.22
CA GLN B 168 11.30 -6.47 20.41
C GLN B 168 11.84 -7.74 21.07
N LYS B 169 10.98 -8.75 21.25
CA LYS B 169 11.40 -9.98 21.87
C LYS B 169 12.49 -10.66 21.04
N ALA B 170 12.27 -10.77 19.73
CA ALA B 170 13.26 -11.41 18.87
C ALA B 170 14.60 -10.72 18.96
N ALA B 171 14.59 -9.38 19.10
CA ALA B 171 15.84 -8.63 19.19
C ALA B 171 16.60 -8.96 20.46
N LYS B 172 15.89 -9.09 21.59
CA LYS B 172 16.54 -9.49 22.83
C LYS B 172 17.04 -10.92 22.78
N LEU B 173 16.23 -11.84 22.28
CA LEU B 173 16.60 -13.24 22.35
C LEU B 173 17.69 -13.59 21.34
N ASN B 174 17.79 -12.85 20.24
CA ASN B 174 18.76 -13.15 19.19
C ASN B 174 19.82 -12.06 19.11
N ASP B 175 20.18 -11.49 20.25
CA ASP B 175 21.08 -10.35 20.28
C ASP B 175 22.53 -10.80 20.11
N TYR B 176 23.35 -9.84 19.69
CA TYR B 176 24.80 -9.92 19.66
C TYR B 176 25.31 -10.88 18.60
N LYS B 177 24.53 -11.18 17.58
CA LYS B 177 25.08 -11.91 16.45
C LYS B 177 25.97 -10.96 15.65
N ASP B 178 26.99 -11.50 15.01
CA ASP B 178 27.91 -10.67 14.25
C ASP B 178 28.00 -11.20 12.81
N ASP B 179 28.99 -10.70 12.07
CA ASP B 179 29.15 -11.08 10.66
C ASP B 179 29.55 -12.54 10.47
N ASP B 180 30.02 -13.21 11.52
CA ASP B 180 30.35 -14.63 11.40
C ASP B 180 29.13 -15.53 11.54
N ASP B 181 28.05 -15.05 12.15
CA ASP B 181 26.84 -15.84 12.26
C ASP B 181 26.18 -16.02 10.91
N LYS B 182 25.64 -17.21 10.67
CA LYS B 182 24.91 -17.45 9.44
C LYS B 182 23.50 -16.94 9.59
C1 EDO C . -8.66 18.34 6.92
O1 EDO C . -9.39 17.33 6.21
C2 EDO C . -7.35 18.60 6.16
O2 EDO C . -6.30 17.71 6.58
H11 EDO C . -9.25 19.26 6.98
H12 EDO C . -8.45 18.00 7.94
HO1 EDO C . -10.22 17.15 6.68
H21 EDO C . -7.52 18.48 5.10
H22 EDO C . -7.04 19.63 6.34
HO2 EDO C . -5.50 17.90 6.09
S SO4 D . -3.86 -3.65 -10.40
O1 SO4 D . -3.42 -4.95 -10.88
O2 SO4 D . -2.68 -2.94 -9.91
O3 SO4 D . -4.50 -2.93 -11.51
O4 SO4 D . -4.84 -3.78 -9.32
C1 EDO E . 6.16 1.82 4.01
O1 EDO E . 6.30 2.66 2.86
C2 EDO E . 6.12 2.72 5.23
O2 EDO E . 7.43 3.08 5.63
H11 EDO E . 7.00 1.14 4.08
H12 EDO E . 5.24 1.24 3.94
HO1 EDO E . 6.33 2.12 2.07
H21 EDO E . 5.62 2.19 6.06
H22 EDO E . 5.53 3.61 5.02
HO2 EDO E . 7.39 3.65 6.41
C1 EDO F . -2.36 -11.91 10.27
O1 EDO F . -1.03 -12.47 10.24
C2 EDO F . -2.36 -10.39 10.45
O2 EDO F . -1.22 -9.96 11.23
H11 EDO F . -2.93 -12.37 11.07
H12 EDO F . -2.86 -12.15 9.32
HO1 EDO F . -1.09 -13.42 10.11
H21 EDO F . -2.33 -9.91 9.47
H22 EDO F . -3.27 -10.09 10.95
HO2 EDO F . -1.25 -9.01 11.33
#